data_7K29
#
_entry.id   7K29
#
_cell.length_a   162.548
_cell.length_b   68.925
_cell.length_c   77.071
_cell.angle_alpha   90.00
_cell.angle_beta   117.70
_cell.angle_gamma   90.00
#
_symmetry.space_group_name_H-M   'C 1 2 1'
#
loop_
_entity.id
_entity.type
_entity.pdbx_description
1 polymer 'Kelch-like ECH-associated protein 1'
2 polymer ACE-LEU-ASP-GLU-GLU-THR-GLY-GLU-ALA-LEU-NH2
3 non-polymer 'SULFATE ION'
4 water water
#
loop_
_entity_poly.entity_id
_entity_poly.type
_entity_poly.pdbx_seq_one_letter_code
_entity_poly.pdbx_strand_id
1 'polypeptide(L)'
;VGRLIYTAGGYFRQSLSYLEAYNPSDGTWLRLADLQVPRSGLAGCVVGGLLYAVGGRNNSPDGNTDSSALDCYNPMTNQW
SPCAPMSVPRNRIGVGVIDGHIYAVGGSHGCIHHNSVERYEPERDEWHLVAPMLTRRIGVGVAVLNRLLYAVGGFDGTNR
LNSAECYYPERNEWRMITAMNTIRSGAGVCVLHNCIYAAGGYDGQDQLNSVERYDVATATWTFVAPMKHRRSALGITVHQ
GRIYVLGGYDGHTFLDSVECYDPDTDTWSEVTRMTSGRSGVGVAVTMEPSRKQIDQQNCTC
;
A,B
2 'polypeptide(L)' (ACE)LDEETGEAL(NH2) P
#
# COMPACT_ATOMS: atom_id res chain seq x y z
N LEU A 4 4.12 -10.85 -15.38
CA LEU A 4 5.48 -10.83 -15.94
C LEU A 4 6.23 -9.49 -15.94
N ILE A 5 7.54 -9.60 -16.04
CA ILE A 5 8.44 -8.46 -16.09
C ILE A 5 8.62 -8.03 -17.55
N TYR A 6 8.05 -6.88 -17.90
CA TYR A 6 8.16 -6.33 -19.25
C TYR A 6 9.31 -5.33 -19.31
N THR A 7 10.04 -5.36 -20.42
CA THR A 7 11.10 -4.41 -20.73
C THR A 7 10.80 -3.76 -22.07
N ALA A 8 10.87 -2.44 -22.12
CA ALA A 8 10.51 -1.72 -23.34
C ALA A 8 11.63 -0.77 -23.73
N GLY A 9 11.80 -0.58 -25.04
CA GLY A 9 12.83 0.27 -25.58
C GLY A 9 14.22 -0.15 -25.13
N GLY A 10 15.08 0.84 -24.97
CA GLY A 10 16.46 0.64 -24.60
C GLY A 10 17.41 1.05 -25.70
N TYR A 11 18.69 0.77 -25.47
CA TYR A 11 19.72 1.24 -26.38
C TYR A 11 20.82 0.20 -26.50
N PHE A 12 21.14 -0.15 -27.73
CA PHE A 12 22.35 -0.91 -28.07
C PHE A 12 22.69 -0.55 -29.50
N ARG A 13 23.76 0.24 -29.68
CA ARG A 13 24.17 0.86 -30.95
C ARG A 13 23.16 1.88 -31.47
N GLN A 14 21.88 1.72 -31.12
CA GLN A 14 20.86 2.72 -31.43
C GLN A 14 19.67 2.45 -30.50
N SER A 15 18.74 3.40 -30.44
CA SER A 15 17.53 3.18 -29.65
C SER A 15 16.71 2.05 -30.27
N LEU A 16 16.04 1.27 -29.43
CA LEU A 16 15.37 0.06 -29.86
C LEU A 16 13.86 0.16 -29.73
N SER A 17 13.18 -0.73 -30.45
CA SER A 17 11.73 -0.88 -30.38
C SER A 17 11.30 -2.13 -29.62
N TYR A 18 12.23 -2.83 -28.99
CA TYR A 18 11.94 -4.12 -28.38
C TYR A 18 10.90 -4.00 -27.27
N LEU A 19 10.02 -4.99 -27.21
CA LEU A 19 9.17 -5.23 -26.05
C LEU A 19 9.26 -6.70 -25.70
N GLU A 20 9.81 -7.01 -24.54
CA GLU A 20 10.03 -8.37 -24.10
C GLU A 20 9.50 -8.54 -22.70
N ALA A 21 9.08 -9.77 -22.38
CA ALA A 21 8.55 -10.10 -21.07
C ALA A 21 9.34 -11.28 -20.51
N TYR A 22 9.76 -11.17 -19.25
CA TYR A 22 10.47 -12.22 -18.56
C TYR A 22 9.54 -12.85 -17.54
N ASN A 23 9.55 -14.18 -17.47
CA ASN A 23 8.78 -14.92 -16.47
C ASN A 23 9.75 -15.51 -15.46
N PRO A 24 9.82 -14.99 -14.24
CA PRO A 24 10.87 -15.43 -13.29
C PRO A 24 10.72 -16.86 -12.76
N SER A 25 9.61 -17.55 -13.00
CA SER A 25 9.50 -18.92 -12.50
C SER A 25 9.91 -19.96 -13.55
N ASP A 26 9.69 -19.68 -14.81
CA ASP A 26 10.09 -20.60 -15.87
C ASP A 26 11.34 -20.13 -16.62
N GLY A 27 11.92 -18.99 -16.26
CA GLY A 27 13.05 -18.45 -16.97
C GLY A 27 12.84 -18.12 -18.44
N THR A 28 11.59 -18.11 -18.93
CA THR A 28 11.34 -17.81 -20.32
C THR A 28 11.27 -16.32 -20.59
N TRP A 29 11.55 -15.96 -21.84
CA TRP A 29 11.44 -14.62 -22.37
C TRP A 29 10.42 -14.64 -23.50
N LEU A 30 9.56 -13.61 -23.55
CA LEU A 30 8.56 -13.51 -24.60
C LEU A 30 8.72 -12.21 -25.37
N ARG A 31 8.78 -12.30 -26.71
CA ARG A 31 8.86 -11.15 -27.59
C ARG A 31 7.43 -10.74 -27.97
N LEU A 32 7.18 -9.43 -28.00
CA LEU A 32 5.84 -8.90 -28.22
C LEU A 32 5.92 -7.76 -29.24
N ALA A 33 4.86 -6.97 -29.33
CA ALA A 33 4.74 -5.91 -30.33
C ALA A 33 5.84 -4.85 -30.19
N ASP A 34 6.49 -4.52 -31.31
CA ASP A 34 7.50 -3.47 -31.31
C ASP A 34 6.87 -2.13 -30.94
N LEU A 35 7.62 -1.33 -30.18
CA LEU A 35 7.26 0.06 -29.92
C LEU A 35 6.92 0.74 -31.24
N GLN A 36 6.02 1.73 -31.22
CA GLN A 36 5.96 2.59 -32.39
C GLN A 36 7.35 3.16 -32.57
N VAL A 37 7.64 4.31 -31.97
CA VAL A 37 8.92 4.95 -32.23
C VAL A 37 10.00 4.34 -31.35
N PRO A 38 11.18 4.03 -31.89
CA PRO A 38 12.29 3.56 -31.06
C PRO A 38 12.51 4.52 -29.89
N ARG A 39 12.98 3.97 -28.77
CA ARG A 39 13.12 4.77 -27.56
C ARG A 39 14.15 4.19 -26.63
N SER A 40 15.03 5.05 -26.12
CA SER A 40 15.88 4.77 -24.97
C SER A 40 15.81 5.95 -24.01
N GLY A 41 16.17 5.72 -22.75
CA GLY A 41 16.05 6.76 -21.75
C GLY A 41 14.63 7.03 -21.30
N LEU A 42 13.72 6.09 -21.57
CA LEU A 42 12.32 6.24 -21.24
C LEU A 42 12.06 5.62 -19.87
N ALA A 43 10.82 5.66 -19.42
CA ALA A 43 10.39 4.97 -18.21
C ALA A 43 9.06 4.27 -18.49
N GLY A 44 8.86 3.15 -17.82
CA GLY A 44 7.62 2.39 -17.94
C GLY A 44 6.86 2.39 -16.63
N CYS A 45 5.53 2.40 -16.73
CA CYS A 45 4.69 2.17 -15.58
C CYS A 45 3.47 1.39 -16.03
N VAL A 46 2.86 0.66 -15.09
CA VAL A 46 1.61 -0.07 -15.31
C VAL A 46 0.50 0.66 -14.57
N VAL A 47 -0.53 1.07 -15.31
CA VAL A 47 -1.72 1.69 -14.73
C VAL A 47 -2.96 0.95 -15.24
N GLY A 48 -3.71 0.37 -14.32
CA GLY A 48 -4.88 -0.42 -14.68
C GLY A 48 -4.56 -1.59 -15.57
N GLY A 49 -3.53 -2.36 -15.22
CA GLY A 49 -3.07 -3.47 -16.03
C GLY A 49 -2.25 -3.08 -17.23
N LEU A 50 -2.58 -1.99 -17.90
CA LEU A 50 -1.91 -1.58 -19.14
C LEU A 50 -0.51 -1.08 -18.85
N LEU A 51 0.32 -1.01 -19.89
CA LEU A 51 1.72 -0.66 -19.77
C LEU A 51 1.99 0.63 -20.56
N TYR A 52 2.58 1.63 -19.89
CA TYR A 52 2.85 2.92 -20.53
C TYR A 52 4.34 3.16 -20.73
N ALA A 53 4.69 3.78 -21.85
CA ALA A 53 6.06 4.20 -22.16
C ALA A 53 6.08 5.72 -22.28
N VAL A 54 6.94 6.38 -21.48
CA VAL A 54 6.91 7.82 -21.32
C VAL A 54 8.29 8.41 -21.63
N GLY A 55 8.31 9.48 -22.41
CA GLY A 55 9.52 10.25 -22.67
C GLY A 55 10.59 9.43 -23.38
N GLY A 56 11.84 9.88 -23.22
CA GLY A 56 13.00 9.24 -23.82
C GLY A 56 13.49 9.99 -25.04
N ARG A 57 14.13 9.26 -25.94
CA ARG A 57 14.55 9.85 -27.22
C ARG A 57 14.86 8.76 -28.22
N ASN A 58 14.91 9.16 -29.50
CA ASN A 58 15.25 8.24 -30.58
C ASN A 58 16.63 8.64 -31.07
N ASN A 59 17.63 7.94 -30.54
CA ASN A 59 19.04 8.10 -30.91
C ASN A 59 19.32 7.12 -32.04
N SER A 60 19.44 7.62 -33.26
CA SER A 60 19.52 6.79 -34.46
C SER A 60 20.66 7.25 -35.35
N PRO A 61 20.99 6.48 -36.40
CA PRO A 61 22.01 6.96 -37.36
C PRO A 61 21.64 8.25 -38.08
N ASP A 62 20.40 8.71 -37.95
CA ASP A 62 19.93 9.87 -38.69
C ASP A 62 19.31 10.95 -37.80
N GLY A 63 19.43 10.82 -36.48
CA GLY A 63 18.84 11.81 -35.60
C GLY A 63 19.06 11.45 -34.15
N ASN A 64 18.59 12.35 -33.28
CA ASN A 64 18.67 12.17 -31.84
C ASN A 64 17.54 13.00 -31.24
N THR A 65 16.32 12.57 -31.47
CA THR A 65 15.13 13.36 -31.18
C THR A 65 14.61 13.00 -29.79
N ASP A 66 14.69 13.97 -28.88
CA ASP A 66 14.04 13.84 -27.57
C ASP A 66 12.53 13.66 -27.74
N SER A 67 11.93 12.84 -26.88
CA SER A 67 10.54 12.46 -27.06
C SER A 67 9.65 13.01 -25.95
N SER A 68 8.52 13.58 -26.34
CA SER A 68 7.45 13.92 -25.42
C SER A 68 6.29 12.92 -25.50
N ALA A 69 6.49 11.80 -26.18
CA ALA A 69 5.39 10.89 -26.44
C ALA A 69 5.06 10.04 -25.21
N LEU A 70 3.80 9.63 -25.12
CA LEU A 70 3.34 8.60 -24.21
C LEU A 70 2.53 7.60 -25.02
N ASP A 71 2.83 6.31 -24.82
CA ASP A 71 2.22 5.24 -25.61
C ASP A 71 1.83 4.08 -24.69
N CYS A 72 0.73 3.42 -25.04
CA CYS A 72 0.08 2.43 -24.19
C CYS A 72 0.06 1.07 -24.88
N TYR A 73 0.52 0.05 -24.17
CA TYR A 73 0.51 -1.32 -24.66
C TYR A 73 -0.52 -2.14 -23.88
N ASN A 74 -1.42 -2.82 -24.61
CA ASN A 74 -2.45 -3.65 -24.00
C ASN A 74 -2.02 -5.11 -24.01
N PRO A 75 -1.82 -5.74 -22.84
CA PRO A 75 -1.28 -7.12 -22.83
C PRO A 75 -2.21 -8.19 -23.39
N MET A 76 -3.50 -7.91 -23.61
CA MET A 76 -4.41 -8.88 -24.20
C MET A 76 -4.76 -8.58 -25.66
N THR A 77 -4.43 -7.39 -26.17
CA THR A 77 -4.53 -7.13 -27.60
C THR A 77 -3.18 -7.11 -28.30
N ASN A 78 -2.08 -7.06 -27.54
CA ASN A 78 -0.73 -6.92 -28.09
C ASN A 78 -0.67 -5.78 -29.10
N GLN A 79 -1.07 -4.59 -28.66
CA GLN A 79 -1.12 -3.42 -29.52
C GLN A 79 -0.70 -2.19 -28.75
N TRP A 80 0.18 -1.39 -29.37
CA TRP A 80 0.49 -0.05 -28.90
C TRP A 80 -0.48 0.95 -29.48
N SER A 81 -0.85 1.95 -28.68
CA SER A 81 -1.69 3.03 -29.16
C SER A 81 -1.15 4.33 -28.60
N PRO A 82 -1.08 5.40 -29.39
CA PRO A 82 -0.54 6.66 -28.87
C PRO A 82 -1.51 7.33 -27.93
N CYS A 83 -0.95 7.94 -26.89
CA CYS A 83 -1.67 8.84 -26.01
C CYS A 83 -1.12 10.24 -26.18
N ALA A 84 -1.84 11.22 -25.65
CA ALA A 84 -1.44 12.62 -25.83
C ALA A 84 0.00 12.83 -25.37
N PRO A 85 0.76 13.70 -26.02
CA PRO A 85 2.14 13.92 -25.62
C PRO A 85 2.21 14.84 -24.40
N MET A 86 3.42 14.95 -23.84
CA MET A 86 3.69 15.83 -22.72
C MET A 86 3.92 17.26 -23.21
N SER A 87 4.09 18.18 -22.27
CA SER A 87 4.30 19.56 -22.65
C SER A 87 5.68 19.78 -23.25
N VAL A 88 6.66 18.98 -22.85
CA VAL A 88 8.04 19.11 -23.27
C VAL A 88 8.64 17.72 -23.48
N PRO A 89 9.69 17.62 -24.29
CA PRO A 89 10.39 16.33 -24.40
C PRO A 89 11.17 16.03 -23.13
N ARG A 90 11.21 14.75 -22.77
CA ARG A 90 11.81 14.33 -21.52
C ARG A 90 12.67 13.09 -21.78
N ASN A 91 13.95 13.33 -22.08
CA ASN A 91 14.90 12.24 -22.16
C ASN A 91 15.42 11.92 -20.77
N ARG A 92 15.57 10.63 -20.46
CA ARG A 92 16.12 10.19 -19.17
C ARG A 92 15.22 10.67 -18.04
N ILE A 93 13.94 10.42 -18.24
CA ILE A 93 12.86 10.85 -17.38
C ILE A 93 12.66 9.85 -16.24
N GLY A 94 11.95 10.28 -15.21
CA GLY A 94 11.48 9.38 -14.18
C GLY A 94 9.96 9.48 -14.10
N VAL A 95 9.30 8.35 -13.80
CA VAL A 95 7.85 8.35 -13.67
C VAL A 95 7.43 7.70 -12.35
N GLY A 96 6.34 8.19 -11.81
CA GLY A 96 5.68 7.52 -10.69
C GLY A 96 4.18 7.50 -10.90
N VAL A 97 3.53 6.50 -10.30
CA VAL A 97 2.09 6.31 -10.37
C VAL A 97 1.50 6.52 -8.97
N ILE A 98 0.73 7.58 -8.81
CA ILE A 98 -0.05 7.73 -7.59
C ILE A 98 -1.52 7.83 -7.94
N ASP A 99 -2.30 6.92 -7.38
CA ASP A 99 -3.75 6.82 -7.57
C ASP A 99 -4.10 6.79 -9.05
N GLY A 100 -3.50 5.84 -9.77
CA GLY A 100 -3.76 5.68 -11.18
C GLY A 100 -3.39 6.87 -12.06
N HIS A 101 -2.62 7.83 -11.56
CA HIS A 101 -2.13 8.95 -12.35
C HIS A 101 -0.63 8.82 -12.57
N ILE A 102 -0.17 9.18 -13.77
CA ILE A 102 1.25 9.14 -14.13
C ILE A 102 1.85 10.52 -13.92
N TYR A 103 2.93 10.57 -13.15
CA TYR A 103 3.71 11.79 -12.93
C TYR A 103 5.01 11.71 -13.72
N ALA A 104 5.22 12.69 -14.60
CA ALA A 104 6.41 12.75 -15.44
C ALA A 104 7.38 13.77 -14.85
N VAL A 105 8.59 13.33 -14.55
CA VAL A 105 9.51 14.06 -13.69
C VAL A 105 10.83 14.27 -14.42
N GLY A 106 11.21 15.55 -14.56
CA GLY A 106 12.56 15.89 -14.96
C GLY A 106 12.85 15.51 -16.40
N GLY A 107 14.09 15.12 -16.65
CA GLY A 107 14.53 14.76 -17.98
C GLY A 107 15.08 15.96 -18.73
N SER A 108 15.67 15.67 -19.88
CA SER A 108 16.32 16.69 -20.69
C SER A 108 15.62 16.86 -22.04
N HIS A 109 15.75 18.06 -22.57
CA HIS A 109 15.51 18.36 -23.99
C HIS A 109 16.70 19.18 -24.46
N GLY A 110 17.56 18.58 -25.28
CA GLY A 110 18.78 19.24 -25.67
C GLY A 110 19.63 19.52 -24.45
N CYS A 111 20.04 20.78 -24.32
CA CYS A 111 20.81 21.23 -23.17
C CYS A 111 19.95 21.43 -21.94
N ILE A 112 18.64 21.51 -22.10
CA ILE A 112 17.77 21.90 -20.99
C ILE A 112 17.54 20.70 -20.08
N HIS A 113 17.89 20.85 -18.81
CA HIS A 113 17.57 19.87 -17.77
C HIS A 113 16.35 20.38 -17.03
N HIS A 114 15.26 19.60 -17.06
CA HIS A 114 13.98 20.02 -16.52
C HIS A 114 13.96 19.86 -15.00
N ASN A 115 13.38 20.84 -14.32
CA ASN A 115 12.83 20.62 -13.00
C ASN A 115 11.33 20.40 -13.05
N SER A 116 10.72 20.63 -14.22
CA SER A 116 9.29 20.60 -14.40
C SER A 116 8.72 19.18 -14.23
N VAL A 117 7.47 19.14 -13.82
CA VAL A 117 6.78 17.89 -13.55
C VAL A 117 5.37 18.04 -14.09
N GLU A 118 4.80 16.96 -14.64
CA GLU A 118 3.43 16.99 -15.12
C GLU A 118 2.77 15.67 -14.82
N ARG A 119 1.44 15.70 -14.81
CA ARG A 119 0.64 14.56 -14.43
C ARG A 119 -0.27 14.17 -15.58
N TYR A 120 -0.45 12.86 -15.77
CA TYR A 120 -1.28 12.32 -16.83
C TYR A 120 -2.51 11.64 -16.24
N GLU A 121 -3.66 11.87 -16.89
CA GLU A 121 -4.94 11.34 -16.44
C GLU A 121 -5.45 10.28 -17.41
N PRO A 122 -5.28 8.98 -17.12
CA PRO A 122 -5.60 7.95 -18.11
C PRO A 122 -7.06 7.86 -18.47
N GLU A 123 -7.96 8.34 -17.61
CA GLU A 123 -9.38 8.34 -17.91
C GLU A 123 -9.80 9.54 -18.75
N ARG A 124 -8.91 10.52 -18.92
CA ARG A 124 -9.23 11.72 -19.67
C ARG A 124 -8.20 12.09 -20.73
N ASP A 125 -7.10 11.33 -20.84
CA ASP A 125 -6.06 11.53 -21.87
C ASP A 125 -5.59 12.98 -21.91
N GLU A 126 -5.21 13.50 -20.75
CA GLU A 126 -4.73 14.87 -20.64
C GLU A 126 -3.47 14.92 -19.78
N TRP A 127 -2.57 15.81 -20.17
CA TRP A 127 -1.41 16.16 -19.35
C TRP A 127 -1.64 17.55 -18.79
N HIS A 128 -1.17 17.78 -17.57
CA HIS A 128 -1.23 19.11 -16.96
C HIS A 128 -0.06 19.27 -16.02
N LEU A 129 0.59 20.43 -16.09
CA LEU A 129 1.76 20.66 -15.25
C LEU A 129 1.34 20.66 -13.79
N VAL A 130 2.28 20.30 -12.92
CA VAL A 130 2.14 20.50 -11.49
C VAL A 130 3.38 21.27 -11.04
N ALA A 131 3.61 21.34 -9.73
CA ALA A 131 4.67 22.18 -9.20
C ALA A 131 6.04 21.65 -9.59
N PRO A 132 6.98 22.52 -9.95
CA PRO A 132 8.31 22.05 -10.32
C PRO A 132 9.09 21.55 -9.11
N MET A 133 10.10 20.73 -9.40
CA MET A 133 11.05 20.27 -8.40
C MET A 133 11.92 21.42 -7.94
N LEU A 134 12.50 21.24 -6.75
CA LEU A 134 13.52 22.14 -6.25
C LEU A 134 14.80 22.08 -7.10
N THR A 135 15.08 20.92 -7.68
CA THR A 135 16.34 20.65 -8.36
C THR A 135 16.09 20.26 -9.81
N ARG A 136 17.02 20.61 -10.70
CA ARG A 136 16.97 20.10 -12.06
C ARG A 136 17.50 18.68 -12.08
N ARG A 137 16.71 17.73 -12.59
CA ARG A 137 17.08 16.32 -12.52
C ARG A 137 16.84 15.63 -13.85
N ILE A 138 17.91 15.06 -14.41
CA ILE A 138 17.76 14.06 -15.45
C ILE A 138 18.43 12.80 -14.96
N GLY A 139 18.06 11.67 -15.54
CA GLY A 139 18.46 10.42 -14.95
C GLY A 139 17.94 10.26 -13.55
N VAL A 140 16.75 10.82 -13.27
CA VAL A 140 16.18 10.83 -11.93
C VAL A 140 15.41 9.54 -11.68
N GLY A 141 15.57 8.98 -10.48
CA GLY A 141 14.80 7.82 -10.06
C GLY A 141 13.59 8.27 -9.27
N VAL A 142 12.43 7.69 -9.60
CA VAL A 142 11.17 8.07 -8.99
C VAL A 142 10.58 6.87 -8.25
N ALA A 143 9.90 7.14 -7.12
CA ALA A 143 9.20 6.13 -6.36
C ALA A 143 7.97 6.73 -5.72
N VAL A 144 7.03 5.85 -5.36
CA VAL A 144 5.79 6.21 -4.70
C VAL A 144 5.75 5.45 -3.39
N LEU A 145 5.57 6.18 -2.29
CA LEU A 145 5.50 5.58 -0.96
C LEU A 145 4.45 6.35 -0.18
N ASN A 146 3.44 5.65 0.31
CA ASN A 146 2.32 6.26 1.03
C ASN A 146 1.72 7.42 0.25
N ARG A 147 1.59 7.20 -1.07
CA ARG A 147 0.93 8.14 -1.98
C ARG A 147 1.66 9.48 -1.98
N LEU A 148 2.96 9.43 -1.68
CA LEU A 148 3.88 10.53 -1.87
C LEU A 148 4.84 10.17 -2.99
N LEU A 149 5.36 11.17 -3.67
CA LEU A 149 6.23 11.00 -4.82
C LEU A 149 7.64 11.45 -4.44
N TYR A 150 8.63 10.59 -4.72
CA TYR A 150 10.03 10.87 -4.41
C TYR A 150 10.84 10.94 -5.69
N ALA A 151 11.53 12.06 -5.90
CA ALA A 151 12.55 12.18 -6.94
C ALA A 151 13.91 12.00 -6.28
N VAL A 152 14.72 11.11 -6.83
CA VAL A 152 15.91 10.62 -6.15
C VAL A 152 17.08 10.68 -7.12
N GLY A 153 18.14 11.39 -6.72
CA GLY A 153 19.36 11.45 -7.47
C GLY A 153 19.19 12.15 -8.80
N GLY A 154 20.02 11.76 -9.75
CA GLY A 154 19.99 12.35 -11.06
C GLY A 154 21.17 13.26 -11.31
N PHE A 155 20.98 14.17 -12.26
CA PHE A 155 22.02 15.01 -12.82
C PHE A 155 21.38 16.33 -13.21
N ASP A 156 21.91 17.45 -12.71
CA ASP A 156 21.34 18.78 -13.00
C ASP A 156 21.98 19.48 -14.19
N GLY A 157 22.96 18.83 -14.84
CA GLY A 157 23.72 19.44 -15.91
C GLY A 157 25.16 19.70 -15.53
N THR A 158 25.45 19.71 -14.23
CA THR A 158 26.78 20.01 -13.74
C THR A 158 27.18 19.04 -12.66
N ASN A 159 26.30 18.80 -11.69
CA ASN A 159 26.57 17.89 -10.59
C ASN A 159 25.68 16.66 -10.66
N ARG A 160 26.26 15.53 -10.33
CA ARG A 160 25.44 14.37 -10.05
C ARG A 160 25.00 14.44 -8.60
N LEU A 161 23.81 13.90 -8.32
CA LEU A 161 23.03 14.26 -7.14
C LEU A 161 22.86 13.07 -6.22
N ASN A 162 23.09 13.29 -4.93
CA ASN A 162 22.60 12.36 -3.92
C ASN A 162 21.36 12.88 -3.22
N SER A 163 20.86 14.04 -3.62
CA SER A 163 19.72 14.54 -2.86
C SER A 163 18.44 13.86 -3.33
N ALA A 164 17.42 13.94 -2.50
CA ALA A 164 16.10 13.46 -2.85
C ALA A 164 15.12 14.49 -2.30
N GLU A 165 13.98 14.60 -2.97
CA GLU A 165 12.94 15.52 -2.55
C GLU A 165 11.60 14.82 -2.76
N CYS A 166 10.62 15.29 -2.00
CA CYS A 166 9.34 14.61 -1.84
C CYS A 166 8.23 15.52 -2.32
N TYR A 167 7.34 14.97 -3.14
CA TYR A 167 6.20 15.72 -3.66
C TYR A 167 4.93 15.32 -2.92
N TYR A 168 4.22 16.31 -2.39
CA TYR A 168 3.01 16.02 -1.63
C TYR A 168 1.82 16.36 -2.50
N PRO A 169 1.09 15.37 -3.00
CA PRO A 169 0.08 15.66 -4.04
C PRO A 169 -1.04 16.55 -3.56
N GLU A 170 -1.51 16.37 -2.33
CA GLU A 170 -2.60 17.18 -1.83
C GLU A 170 -2.16 18.56 -1.35
N ARG A 171 -0.86 18.86 -1.39
CA ARG A 171 -0.39 20.21 -1.17
C ARG A 171 0.32 20.80 -2.39
N ASN A 172 0.55 20.00 -3.43
CA ASN A 172 1.30 20.38 -4.63
C ASN A 172 2.53 21.23 -4.28
N GLU A 173 3.44 20.59 -3.55
CA GLU A 173 4.71 21.24 -3.19
C GLU A 173 5.76 20.15 -3.06
N TRP A 174 7.02 20.58 -3.15
CA TRP A 174 8.17 19.70 -3.01
C TRP A 174 8.98 20.11 -1.79
N ARG A 175 9.37 19.13 -0.99
CA ARG A 175 10.26 19.36 0.14
C ARG A 175 11.49 18.47 -0.03
N MET A 176 12.66 19.07 0.15
CA MET A 176 13.90 18.31 0.23
C MET A 176 13.86 17.36 1.43
N ILE A 177 14.50 16.20 1.30
CA ILE A 177 14.58 15.30 2.46
C ILE A 177 16.02 14.94 2.69
N THR A 178 16.25 13.93 3.53
CA THR A 178 17.60 13.45 3.78
C THR A 178 18.20 12.90 2.50
N ALA A 179 19.42 13.33 2.20
CA ALA A 179 20.13 12.87 1.01
C ALA A 179 20.61 11.44 1.22
N MET A 180 20.66 10.69 0.12
CA MET A 180 21.27 9.36 0.14
C MET A 180 22.72 9.45 0.62
N ASN A 181 23.29 8.30 0.94
CA ASN A 181 24.72 8.27 1.22
C ASN A 181 25.55 8.41 -0.05
N THR A 182 25.04 7.95 -1.20
CA THR A 182 25.81 7.87 -2.44
C THR A 182 25.22 8.79 -3.50
N ILE A 183 26.07 9.53 -4.19
CA ILE A 183 25.64 10.22 -5.41
C ILE A 183 25.28 9.18 -6.47
N ARG A 184 24.10 9.36 -7.10
CA ARG A 184 23.54 8.39 -8.05
C ARG A 184 22.74 9.11 -9.13
N SER A 185 23.21 9.01 -10.37
CA SER A 185 22.45 9.40 -11.54
C SER A 185 22.25 8.14 -12.36
N GLY A 186 21.07 7.99 -12.96
CA GLY A 186 20.77 6.77 -13.68
C GLY A 186 20.80 5.54 -12.80
N ALA A 187 20.43 5.67 -11.52
CA ALA A 187 20.25 4.50 -10.68
C ALA A 187 18.94 3.81 -11.02
N GLY A 188 18.74 2.63 -10.45
CA GLY A 188 17.43 2.00 -10.42
C GLY A 188 16.79 2.26 -9.08
N VAL A 189 15.60 2.87 -9.11
CA VAL A 189 14.90 3.25 -7.89
C VAL A 189 13.51 2.63 -7.88
N CYS A 190 13.15 1.98 -6.77
CA CYS A 190 11.85 1.31 -6.63
C CYS A 190 11.50 1.21 -5.15
N VAL A 191 10.33 0.64 -4.88
CA VAL A 191 9.82 0.47 -3.52
C VAL A 191 9.70 -1.03 -3.23
N LEU A 192 10.33 -1.47 -2.15
CA LEU A 192 10.28 -2.85 -1.68
C LEU A 192 10.23 -2.86 -0.16
N HIS A 193 9.45 -3.79 0.39
CA HIS A 193 9.01 -3.72 1.78
C HIS A 193 8.32 -2.37 1.89
N ASN A 194 8.82 -1.43 2.68
CA ASN A 194 8.36 -0.05 2.64
C ASN A 194 9.57 0.87 2.72
N CYS A 195 10.57 0.59 1.88
CA CYS A 195 11.74 1.42 1.73
C CYS A 195 11.95 1.74 0.25
N ILE A 196 12.40 2.97 0.02
CA ILE A 196 12.84 3.38 -1.31
C ILE A 196 14.22 2.78 -1.53
N TYR A 197 14.38 1.99 -2.57
CA TYR A 197 15.66 1.39 -2.88
C TYR A 197 16.33 2.18 -4.00
N ALA A 198 17.63 2.34 -3.89
CA ALA A 198 18.43 3.01 -4.91
C ALA A 198 19.57 2.07 -5.26
N ALA A 199 19.54 1.53 -6.48
CA ALA A 199 20.51 0.51 -6.88
C ALA A 199 21.36 1.04 -8.02
N GLY A 200 22.67 1.00 -7.82
CA GLY A 200 23.60 1.31 -8.90
C GLY A 200 23.62 2.78 -9.25
N GLY A 201 23.81 3.06 -10.52
CA GLY A 201 23.90 4.42 -11.00
C GLY A 201 25.33 4.78 -11.37
N TYR A 202 25.48 6.04 -11.73
CA TYR A 202 26.77 6.62 -12.08
C TYR A 202 27.01 7.84 -11.22
N ASP A 203 28.26 8.07 -10.81
CA ASP A 203 28.58 9.20 -9.94
C ASP A 203 29.53 10.20 -10.59
N GLY A 204 29.72 10.15 -11.90
CA GLY A 204 30.68 10.98 -12.57
C GLY A 204 32.08 10.38 -12.66
N GLN A 205 32.33 9.29 -11.96
CA GLN A 205 33.63 8.64 -11.99
C GLN A 205 33.50 7.16 -12.33
N ASP A 206 32.58 6.48 -11.65
CA ASP A 206 32.39 5.03 -11.78
C ASP A 206 30.91 4.71 -11.79
N GLN A 207 30.58 3.64 -12.50
CA GLN A 207 29.32 2.95 -12.27
C GLN A 207 29.39 2.28 -10.91
N LEU A 208 28.23 2.12 -10.29
CA LEU A 208 28.17 1.63 -8.92
C LEU A 208 27.44 0.30 -8.89
N ASN A 209 27.89 -0.58 -7.98
CA ASN A 209 27.15 -1.79 -7.66
C ASN A 209 26.54 -1.76 -6.27
N SER A 210 26.74 -0.69 -5.50
CA SER A 210 26.14 -0.59 -4.17
C SER A 210 24.65 -0.27 -4.27
N VAL A 211 23.94 -0.59 -3.18
CA VAL A 211 22.50 -0.42 -3.07
C VAL A 211 22.19 0.09 -1.67
N GLU A 212 21.29 1.06 -1.57
CA GLU A 212 20.85 1.57 -0.29
C GLU A 212 19.35 1.78 -0.32
N ARG A 213 18.76 1.90 0.87
CA ARG A 213 17.32 2.03 0.98
C ARG A 213 16.92 3.03 2.07
N TYR A 214 15.83 3.74 1.80
CA TYR A 214 15.35 4.84 2.62
C TYR A 214 14.15 4.39 3.44
N ASP A 215 14.19 4.64 4.75
CA ASP A 215 13.05 4.34 5.62
C ASP A 215 12.43 5.66 6.03
N VAL A 216 11.15 5.86 5.68
CA VAL A 216 10.51 7.16 5.90
C VAL A 216 10.45 7.50 7.38
N ALA A 217 10.01 6.53 8.20
CA ALA A 217 9.78 6.79 9.62
C ALA A 217 11.03 7.33 10.30
N THR A 218 12.18 6.68 10.08
CA THR A 218 13.42 7.17 10.67
C THR A 218 14.14 8.20 9.79
N ALA A 219 13.64 8.45 8.58
CA ALA A 219 14.32 9.33 7.62
C ALA A 219 15.80 8.98 7.51
N THR A 220 16.10 7.70 7.28
CA THR A 220 17.49 7.29 7.15
C THR A 220 17.70 6.38 5.96
N TRP A 221 18.83 6.56 5.28
CA TRP A 221 19.28 5.67 4.21
C TRP A 221 20.26 4.67 4.79
N THR A 222 20.12 3.39 4.43
CA THR A 222 21.06 2.38 4.91
C THR A 222 21.40 1.45 3.75
N PHE A 223 22.67 1.03 3.69
CA PHE A 223 23.14 0.18 2.59
C PHE A 223 22.70 -1.26 2.82
N VAL A 224 22.55 -1.99 1.72
CA VAL A 224 22.28 -3.42 1.79
C VAL A 224 23.32 -4.11 0.92
N ALA A 225 23.09 -5.36 0.55
CA ALA A 225 24.09 -6.09 -0.21
C ALA A 225 24.27 -5.45 -1.59
N PRO A 226 25.49 -5.38 -2.10
CA PRO A 226 25.70 -4.79 -3.42
C PRO A 226 25.37 -5.80 -4.50
N MET A 227 24.88 -5.28 -5.63
CA MET A 227 24.78 -6.16 -6.79
C MET A 227 26.16 -6.72 -7.15
N LYS A 228 26.14 -7.79 -7.94
CA LYS A 228 27.41 -8.36 -8.39
C LYS A 228 28.04 -7.57 -9.53
N HIS A 229 27.27 -6.79 -10.28
CA HIS A 229 27.78 -6.06 -11.44
C HIS A 229 27.44 -4.58 -11.32
N ARG A 230 28.48 -3.74 -11.31
CA ARG A 230 28.31 -2.30 -11.46
C ARG A 230 27.46 -1.99 -12.69
N ARG A 231 26.51 -1.07 -12.54
CA ARG A 231 25.68 -0.68 -13.67
C ARG A 231 24.99 0.65 -13.41
N SER A 232 24.84 1.43 -14.47
CA SER A 232 23.96 2.60 -14.51
C SER A 232 23.03 2.48 -15.71
N ALA A 233 22.00 3.33 -15.71
CA ALA A 233 20.96 3.33 -16.74
C ALA A 233 20.30 1.96 -16.83
N LEU A 234 20.00 1.39 -15.68
CA LEU A 234 19.39 0.07 -15.63
C LEU A 234 17.87 0.18 -15.51
N GLY A 235 17.20 -0.88 -15.93
CA GLY A 235 15.79 -1.03 -15.65
C GLY A 235 15.62 -1.69 -14.30
N ILE A 236 14.51 -1.42 -13.63
CA ILE A 236 14.34 -2.00 -12.30
C ILE A 236 12.86 -2.23 -12.04
N THR A 237 12.55 -3.31 -11.33
CA THR A 237 11.19 -3.55 -10.90
C THR A 237 11.19 -4.64 -9.82
N VAL A 238 10.14 -4.66 -9.02
CA VAL A 238 9.98 -5.68 -7.99
C VAL A 238 8.90 -6.64 -8.45
N HIS A 239 9.21 -7.94 -8.42
CA HIS A 239 8.30 -9.00 -8.83
C HIS A 239 8.24 -10.01 -7.69
N GLN A 240 7.08 -10.12 -7.05
CA GLN A 240 6.85 -11.10 -5.98
C GLN A 240 7.80 -10.87 -4.82
N GLY A 241 7.84 -9.62 -4.34
CA GLY A 241 8.68 -9.25 -3.21
C GLY A 241 10.17 -9.43 -3.40
N ARG A 242 10.66 -9.36 -4.63
CA ARG A 242 12.08 -9.42 -4.92
C ARG A 242 12.43 -8.38 -5.98
N ILE A 243 13.68 -7.95 -5.96
CA ILE A 243 14.12 -6.87 -6.84
C ILE A 243 14.79 -7.48 -8.06
N TYR A 244 14.40 -7.01 -9.23
CA TYR A 244 15.07 -7.38 -10.48
C TYR A 244 15.68 -6.12 -11.07
N VAL A 245 16.91 -6.25 -11.53
CA VAL A 245 17.56 -5.19 -12.29
C VAL A 245 18.01 -5.76 -13.62
N LEU A 246 17.84 -4.97 -14.67
CA LEU A 246 17.91 -5.41 -16.06
C LEU A 246 18.85 -4.52 -16.83
N GLY A 247 19.90 -5.11 -17.41
CA GLY A 247 20.73 -4.40 -18.38
C GLY A 247 21.47 -3.23 -17.77
N GLY A 248 21.58 -2.16 -18.54
CA GLY A 248 22.36 -1.00 -18.16
C GLY A 248 23.74 -1.03 -18.77
N TYR A 249 24.54 -0.06 -18.36
CA TYR A 249 25.87 0.16 -18.92
C TYR A 249 26.88 0.16 -17.78
N ASP A 250 27.97 -0.61 -17.92
CA ASP A 250 28.98 -0.69 -16.86
C ASP A 250 30.21 0.15 -17.17
N GLY A 251 30.10 1.11 -18.08
CA GLY A 251 31.24 1.87 -18.53
C GLY A 251 32.01 1.26 -19.68
N HIS A 252 31.90 -0.04 -19.90
CA HIS A 252 32.56 -0.69 -21.03
C HIS A 252 31.59 -1.52 -21.87
N THR A 253 30.57 -2.10 -21.24
CA THR A 253 29.70 -3.08 -21.86
C THR A 253 28.25 -2.63 -21.70
N PHE A 254 27.39 -3.06 -22.62
CA PHE A 254 25.95 -3.02 -22.39
C PHE A 254 25.56 -4.36 -21.80
N LEU A 255 25.10 -4.35 -20.55
CA LEU A 255 24.85 -5.58 -19.81
C LEU A 255 23.56 -6.25 -20.27
N ASP A 256 23.60 -7.57 -20.39
CA ASP A 256 22.37 -8.35 -20.46
C ASP A 256 22.08 -9.07 -19.14
N SER A 257 22.98 -8.93 -18.17
CA SER A 257 22.80 -9.46 -16.82
C SER A 257 21.46 -9.05 -16.22
N VAL A 258 20.79 -9.99 -15.58
CA VAL A 258 19.62 -9.71 -14.75
C VAL A 258 19.89 -10.29 -13.37
N GLU A 259 20.01 -9.40 -12.39
CA GLU A 259 20.24 -9.76 -11.01
C GLU A 259 18.94 -9.67 -10.23
N CYS A 260 18.80 -10.54 -9.23
CA CYS A 260 17.63 -10.58 -8.37
C CYS A 260 18.06 -10.52 -6.90
N TYR A 261 17.50 -9.57 -6.17
CA TYR A 261 17.81 -9.34 -4.76
C TYR A 261 16.74 -9.96 -3.88
N ASP A 262 17.15 -10.81 -2.94
CA ASP A 262 16.20 -11.36 -1.99
C ASP A 262 16.35 -10.62 -0.67
N PRO A 263 15.33 -9.90 -0.20
CA PRO A 263 15.53 -9.06 0.99
C PRO A 263 15.71 -9.86 2.28
N ASP A 264 15.29 -11.13 2.31
CA ASP A 264 15.35 -11.86 3.58
C ASP A 264 16.73 -12.44 3.86
N THR A 265 17.49 -12.79 2.82
CA THR A 265 18.90 -13.13 3.03
C THR A 265 19.84 -11.97 2.70
N ASP A 266 19.32 -10.85 2.21
CA ASP A 266 20.14 -9.73 1.73
C ASP A 266 21.17 -10.24 0.73
N THR A 267 20.68 -10.96 -0.29
CA THR A 267 21.52 -11.61 -1.28
C THR A 267 21.06 -11.25 -2.69
N TRP A 268 22.01 -10.98 -3.56
CA TRP A 268 21.77 -10.86 -4.98
C TRP A 268 22.22 -12.12 -5.69
N SER A 269 21.56 -12.45 -6.80
CA SER A 269 22.00 -13.57 -7.62
C SER A 269 21.45 -13.42 -9.03
N GLU A 270 22.25 -13.79 -10.01
CA GLU A 270 21.87 -13.61 -11.41
C GLU A 270 20.88 -14.69 -11.82
N VAL A 271 19.72 -14.27 -12.32
CA VAL A 271 18.63 -15.20 -12.60
C VAL A 271 18.38 -15.42 -14.08
N THR A 272 18.98 -14.63 -14.97
CA THR A 272 18.84 -14.84 -16.41
C THR A 272 19.72 -13.81 -17.12
N ARG A 273 19.72 -13.90 -18.44
CA ARG A 273 20.25 -12.86 -19.31
C ARG A 273 19.12 -12.36 -20.19
N MET A 274 19.07 -11.05 -20.42
CA MET A 274 18.22 -10.53 -21.47
C MET A 274 18.61 -11.18 -22.79
N THR A 275 17.76 -11.02 -23.81
CA THR A 275 18.15 -11.59 -25.11
C THR A 275 19.38 -10.88 -25.67
N SER A 276 19.58 -9.62 -25.32
CA SER A 276 20.81 -8.92 -25.69
C SER A 276 21.00 -7.75 -24.74
N GLY A 277 22.26 -7.42 -24.48
CA GLY A 277 22.56 -6.31 -23.61
C GLY A 277 22.00 -5.00 -24.15
N ARG A 278 21.53 -4.15 -23.23
CA ARG A 278 20.99 -2.84 -23.58
C ARG A 278 20.96 -1.96 -22.35
N SER A 279 20.87 -0.66 -22.57
CA SER A 279 20.77 0.32 -21.51
C SER A 279 19.50 1.14 -21.71
N GLY A 280 19.10 1.84 -20.64
CA GLY A 280 18.09 2.88 -20.76
C GLY A 280 16.70 2.41 -21.11
N VAL A 281 16.33 1.20 -20.69
CA VAL A 281 14.99 0.68 -20.97
C VAL A 281 13.99 1.25 -19.97
N GLY A 282 12.72 1.10 -20.29
CA GLY A 282 11.64 1.27 -19.32
C GLY A 282 11.14 -0.10 -18.90
N VAL A 283 10.87 -0.26 -17.62
CA VAL A 283 10.47 -1.55 -17.06
C VAL A 283 9.21 -1.37 -16.21
N ALA A 284 8.36 -2.39 -16.20
CA ALA A 284 7.22 -2.49 -15.30
C ALA A 284 6.72 -3.94 -15.32
N VAL A 285 5.79 -4.25 -14.41
CA VAL A 285 5.27 -5.61 -14.24
C VAL A 285 3.77 -5.63 -14.51
N THR A 286 3.32 -6.59 -15.31
CA THR A 286 1.91 -6.98 -15.37
C THR A 286 1.71 -8.34 -16.07
N GLY B 2 -23.65 -4.72 -5.84
CA GLY B 2 -24.46 -4.35 -4.69
C GLY B 2 -23.89 -4.91 -3.39
N ARG B 3 -23.64 -4.05 -2.40
CA ARG B 3 -22.98 -4.49 -1.19
C ARG B 3 -23.68 -3.95 0.07
N LEU B 4 -23.52 -4.71 1.14
CA LEU B 4 -24.23 -4.52 2.39
C LEU B 4 -23.25 -4.44 3.55
N ILE B 5 -23.72 -3.87 4.65
CA ILE B 5 -22.96 -3.79 5.89
C ILE B 5 -23.40 -4.94 6.80
N TYR B 6 -22.51 -5.89 7.01
CA TYR B 6 -22.81 -7.06 7.84
C TYR B 6 -22.38 -6.81 9.29
N THR B 7 -23.25 -7.11 10.25
CA THR B 7 -22.87 -7.09 11.68
C THR B 7 -23.04 -8.50 12.23
N ALA B 8 -21.96 -9.06 12.75
CA ALA B 8 -21.99 -10.41 13.29
C ALA B 8 -21.81 -10.38 14.80
N GLY B 9 -22.59 -11.20 15.50
CA GLY B 9 -22.44 -11.37 16.95
C GLY B 9 -22.78 -10.12 17.74
N GLY B 10 -22.13 -9.99 18.89
CA GLY B 10 -22.35 -8.85 19.77
C GLY B 10 -22.77 -9.28 21.15
N TYR B 11 -23.15 -8.29 21.95
CA TYR B 11 -23.47 -8.51 23.35
C TYR B 11 -24.68 -7.66 23.71
N PHE B 12 -25.70 -8.31 24.25
CA PHE B 12 -26.76 -7.63 24.98
C PHE B 12 -27.25 -8.64 26.02
N ARG B 13 -26.81 -8.48 27.28
CA ARG B 13 -27.18 -9.39 28.36
C ARG B 13 -26.37 -10.67 28.28
N GLN B 14 -26.18 -11.16 27.06
CA GLN B 14 -25.40 -12.35 26.76
C GLN B 14 -24.81 -12.13 25.36
N SER B 15 -23.81 -12.94 25.01
CA SER B 15 -23.34 -12.93 23.62
C SER B 15 -24.45 -13.39 22.67
N LEU B 16 -24.48 -12.77 21.50
CA LEU B 16 -25.52 -12.92 20.49
C LEU B 16 -24.97 -13.73 19.32
N SER B 17 -25.88 -14.33 18.56
CA SER B 17 -25.58 -15.08 17.34
C SER B 17 -26.00 -14.37 16.07
N TYR B 18 -26.50 -13.14 16.14
CA TYR B 18 -27.11 -12.51 14.99
C TYR B 18 -26.11 -12.26 13.87
N LEU B 19 -26.49 -12.59 12.64
CA LEU B 19 -25.84 -12.05 11.45
C LEU B 19 -26.90 -11.27 10.70
N GLU B 20 -26.71 -9.95 10.61
CA GLU B 20 -27.65 -9.06 9.96
C GLU B 20 -26.87 -8.16 9.01
N ALA B 21 -27.52 -7.74 7.93
CA ALA B 21 -26.84 -6.97 6.90
C ALA B 21 -27.71 -5.80 6.50
N TYR B 22 -27.13 -4.61 6.55
CA TYR B 22 -27.86 -3.37 6.37
C TYR B 22 -27.67 -2.84 4.95
N ASN B 23 -28.77 -2.44 4.32
CA ASN B 23 -28.73 -1.89 2.98
C ASN B 23 -28.79 -0.38 3.07
N PRO B 24 -27.68 0.33 2.86
CA PRO B 24 -27.70 1.79 2.96
C PRO B 24 -28.63 2.48 1.98
N SER B 25 -29.01 1.81 0.87
CA SER B 25 -29.93 2.41 -0.09
C SER B 25 -31.39 2.25 0.31
N ASP B 26 -31.83 1.03 0.59
CA ASP B 26 -33.25 0.81 0.83
C ASP B 26 -33.59 0.70 2.32
N GLY B 27 -32.59 0.81 3.21
CA GLY B 27 -32.79 0.91 4.65
C GLY B 27 -33.03 -0.39 5.39
N THR B 28 -33.10 -1.51 4.69
CA THR B 28 -33.50 -2.77 5.30
C THR B 28 -32.37 -3.39 6.12
N TRP B 29 -32.78 -4.19 7.10
CA TRP B 29 -31.91 -5.12 7.82
C TRP B 29 -32.31 -6.53 7.42
N LEU B 30 -31.37 -7.28 6.87
CA LEU B 30 -31.59 -8.65 6.42
C LEU B 30 -31.10 -9.61 7.51
N ARG B 31 -31.99 -10.47 7.99
CA ARG B 31 -31.60 -11.49 8.97
C ARG B 31 -31.04 -12.69 8.21
N LEU B 32 -29.80 -13.06 8.52
CA LEU B 32 -29.09 -14.12 7.82
C LEU B 32 -28.79 -15.29 8.77
N ALA B 33 -28.05 -16.27 8.26
CA ALA B 33 -27.68 -17.43 9.07
C ALA B 33 -26.96 -17.03 10.35
N ASP B 34 -27.49 -17.49 11.47
CA ASP B 34 -26.88 -17.31 12.78
C ASP B 34 -25.45 -17.84 12.80
N LEU B 35 -24.60 -17.18 13.58
CA LEU B 35 -23.33 -17.77 13.96
C LEU B 35 -23.56 -19.13 14.63
N GLN B 36 -22.58 -20.02 14.50
CA GLN B 36 -22.66 -21.32 15.13
C GLN B 36 -22.58 -21.20 16.65
N VAL B 37 -21.79 -20.26 17.13
CA VAL B 37 -21.57 -20.03 18.55
C VAL B 37 -21.81 -18.54 18.80
N PRO B 38 -22.65 -18.18 19.77
CA PRO B 38 -22.80 -16.75 20.12
C PRO B 38 -21.46 -16.18 20.55
N ARG B 39 -21.13 -15.01 20.04
CA ARG B 39 -19.85 -14.39 20.35
C ARG B 39 -19.97 -12.88 20.46
N SER B 40 -19.25 -12.32 21.42
CA SER B 40 -19.09 -10.89 21.58
C SER B 40 -17.59 -10.60 21.62
N GLY B 41 -17.23 -9.34 21.36
CA GLY B 41 -15.83 -8.95 21.29
C GLY B 41 -15.05 -9.59 20.14
N LEU B 42 -15.73 -10.00 19.07
CA LEU B 42 -15.09 -10.53 17.89
C LEU B 42 -14.84 -9.41 16.88
N ALA B 43 -14.08 -9.72 15.85
CA ALA B 43 -13.91 -8.81 14.75
C ALA B 43 -14.42 -9.49 13.49
N GLY B 44 -14.72 -8.69 12.48
CA GLY B 44 -15.10 -9.20 11.18
C GLY B 44 -14.23 -8.62 10.08
N CYS B 45 -14.14 -9.35 8.98
CA CYS B 45 -13.36 -8.91 7.82
C CYS B 45 -13.80 -9.72 6.61
N VAL B 46 -13.42 -9.23 5.44
CA VAL B 46 -13.81 -9.84 4.18
C VAL B 46 -12.55 -10.12 3.38
N VAL B 47 -12.39 -11.36 2.95
CA VAL B 47 -11.34 -11.75 2.00
C VAL B 47 -12.02 -12.53 0.89
N GLY B 48 -11.78 -12.11 -0.35
CA GLY B 48 -12.33 -12.82 -1.50
C GLY B 48 -13.83 -13.00 -1.47
N GLY B 49 -14.57 -11.96 -1.05
CA GLY B 49 -16.01 -12.02 -0.92
C GLY B 49 -16.52 -12.68 0.34
N LEU B 50 -15.71 -13.48 1.03
CA LEU B 50 -16.15 -14.22 2.20
C LEU B 50 -16.04 -13.38 3.48
N LEU B 51 -17.06 -13.49 4.34
CA LEU B 51 -17.09 -12.78 5.61
C LEU B 51 -16.50 -13.69 6.68
N TYR B 52 -15.46 -13.23 7.38
CA TYR B 52 -14.83 -14.00 8.44
C TYR B 52 -15.19 -13.37 9.78
N ALA B 53 -15.54 -14.21 10.74
CA ALA B 53 -15.76 -13.81 12.14
C ALA B 53 -14.62 -14.38 12.98
N VAL B 54 -13.88 -13.51 13.66
CA VAL B 54 -12.63 -13.90 14.29
C VAL B 54 -12.69 -13.64 15.80
N GLY B 55 -12.34 -14.66 16.59
CA GLY B 55 -12.17 -14.52 18.02
C GLY B 55 -13.45 -14.20 18.77
N GLY B 56 -13.29 -13.51 19.89
CA GLY B 56 -14.41 -13.11 20.71
C GLY B 56 -14.58 -13.96 21.95
N ARG B 57 -15.83 -14.01 22.41
CA ARG B 57 -16.12 -14.64 23.69
C ARG B 57 -17.56 -15.13 23.69
N ASN B 58 -17.80 -16.31 24.25
CA ASN B 58 -19.14 -16.82 24.44
C ASN B 58 -19.57 -16.51 25.87
N ASN B 59 -20.35 -15.44 26.04
CA ASN B 59 -21.01 -15.15 27.30
C ASN B 59 -22.39 -15.76 27.27
N SER B 60 -22.53 -16.91 27.89
CA SER B 60 -23.81 -17.60 27.93
C SER B 60 -24.30 -17.71 29.37
N PRO B 61 -25.62 -17.82 29.58
CA PRO B 61 -26.13 -17.97 30.94
C PRO B 61 -25.67 -19.24 31.66
N ASP B 62 -24.73 -19.98 31.10
CA ASP B 62 -24.26 -21.25 31.65
C ASP B 62 -22.80 -21.54 31.30
N GLY B 63 -21.94 -20.53 31.37
CA GLY B 63 -20.55 -20.71 31.01
C GLY B 63 -20.02 -19.66 30.07
N ASN B 64 -18.91 -19.04 30.46
CA ASN B 64 -18.25 -18.03 29.68
C ASN B 64 -16.91 -18.60 29.23
N THR B 65 -16.61 -18.46 27.95
CA THR B 65 -15.33 -18.89 27.41
C THR B 65 -14.90 -17.96 26.29
N ASP B 66 -13.67 -17.48 26.39
CA ASP B 66 -13.01 -16.79 25.28
C ASP B 66 -12.88 -17.76 24.10
N SER B 67 -12.81 -17.20 22.90
CA SER B 67 -12.89 -18.00 21.69
C SER B 67 -11.68 -17.74 20.80
N SER B 68 -11.10 -18.82 20.28
CA SER B 68 -10.08 -18.74 19.25
C SER B 68 -10.63 -18.97 17.84
N ALA B 69 -11.95 -19.10 17.71
CA ALA B 69 -12.53 -19.64 16.48
C ALA B 69 -12.40 -18.65 15.33
N LEU B 70 -12.25 -19.19 14.13
CA LEU B 70 -12.41 -18.46 12.89
C LEU B 70 -13.51 -19.14 12.11
N ASP B 71 -14.50 -18.36 11.69
CA ASP B 71 -15.65 -18.88 10.97
C ASP B 71 -15.90 -18.01 9.76
N CYS B 72 -16.36 -18.66 8.69
CA CYS B 72 -16.39 -18.05 7.36
C CYS B 72 -17.82 -18.10 6.84
N TYR B 73 -18.38 -16.95 6.50
CA TYR B 73 -19.73 -16.86 5.99
C TYR B 73 -19.69 -16.57 4.49
N ASN B 74 -20.48 -17.33 3.71
CA ASN B 74 -20.55 -17.17 2.26
C ASN B 74 -21.89 -16.57 1.89
N PRO B 75 -21.97 -15.30 1.46
CA PRO B 75 -23.27 -14.74 1.07
C PRO B 75 -23.94 -15.52 -0.06
N MET B 76 -23.17 -16.31 -0.86
CA MET B 76 -23.71 -17.05 -1.99
C MET B 76 -24.56 -18.23 -1.53
N THR B 77 -24.18 -18.88 -0.41
CA THR B 77 -24.91 -20.01 0.15
C THR B 77 -25.66 -19.67 1.44
N ASN B 78 -25.42 -18.49 2.01
CA ASN B 78 -25.95 -18.11 3.32
C ASN B 78 -25.68 -19.22 4.33
N GLN B 79 -24.41 -19.64 4.40
CA GLN B 79 -23.94 -20.67 5.32
C GLN B 79 -22.60 -20.28 5.92
N TRP B 80 -22.44 -20.63 7.20
CA TRP B 80 -21.16 -20.58 7.88
C TRP B 80 -20.44 -21.90 7.74
N SER B 81 -19.11 -21.82 7.64
CA SER B 81 -18.26 -23.00 7.72
C SER B 81 -17.14 -22.64 8.69
N PRO B 82 -16.72 -23.54 9.53
CA PRO B 82 -15.58 -23.20 10.39
C PRO B 82 -14.29 -23.25 9.60
N CYS B 83 -13.29 -22.53 10.09
CA CYS B 83 -11.93 -22.68 9.63
C CYS B 83 -11.04 -23.16 10.77
N ALA B 84 -9.77 -23.36 10.44
CA ALA B 84 -8.78 -23.63 11.46
C ALA B 84 -8.79 -22.48 12.47
N PRO B 85 -8.63 -22.77 13.76
CA PRO B 85 -8.65 -21.71 14.78
C PRO B 85 -7.29 -21.08 15.03
N MET B 86 -7.34 -19.88 15.59
CA MET B 86 -6.13 -19.22 16.06
C MET B 86 -5.44 -20.06 17.12
N SER B 87 -4.19 -19.70 17.37
CA SER B 87 -3.39 -20.41 18.34
C SER B 87 -3.94 -20.21 19.76
N VAL B 88 -4.54 -19.07 20.06
CA VAL B 88 -5.10 -18.81 21.39
C VAL B 88 -6.45 -18.13 21.26
N PRO B 89 -7.30 -18.26 22.28
CA PRO B 89 -8.52 -17.45 22.29
C PRO B 89 -8.17 -15.97 22.40
N ARG B 90 -8.99 -15.14 21.72
CA ARG B 90 -8.75 -13.69 21.68
C ARG B 90 -10.10 -12.97 21.78
N ASN B 91 -10.47 -12.59 23.01
CA ASN B 91 -11.62 -11.73 23.23
C ASN B 91 -11.19 -10.29 23.01
N ARG B 92 -12.08 -9.47 22.45
CA ARG B 92 -11.77 -8.04 22.21
C ARG B 92 -10.55 -7.89 21.31
N ILE B 93 -10.60 -8.62 20.20
CA ILE B 93 -9.56 -8.72 19.21
C ILE B 93 -9.64 -7.54 18.25
N GLY B 94 -8.54 -7.25 17.57
CA GLY B 94 -8.57 -6.44 16.38
C GLY B 94 -8.03 -7.27 15.22
N VAL B 95 -8.59 -7.04 14.03
CA VAL B 95 -8.06 -7.72 12.85
C VAL B 95 -7.87 -6.73 11.72
N GLY B 96 -6.99 -7.11 10.80
CA GLY B 96 -6.78 -6.37 9.57
C GLY B 96 -6.35 -7.32 8.47
N VAL B 97 -6.55 -6.88 7.23
CA VAL B 97 -6.32 -7.71 6.06
C VAL B 97 -5.19 -7.09 5.23
N ILE B 98 -4.18 -7.91 4.94
CA ILE B 98 -3.08 -7.53 4.07
C ILE B 98 -2.84 -8.66 3.06
N ASP B 99 -2.89 -8.31 1.78
CA ASP B 99 -2.59 -9.24 0.68
C ASP B 99 -3.39 -10.52 0.84
N GLY B 100 -4.69 -10.38 1.07
CA GLY B 100 -5.54 -11.54 1.29
C GLY B 100 -5.25 -12.38 2.51
N HIS B 101 -4.47 -11.89 3.47
CA HIS B 101 -4.20 -12.61 4.71
C HIS B 101 -4.83 -11.84 5.87
N ILE B 102 -5.37 -12.57 6.85
CA ILE B 102 -6.03 -11.95 8.01
C ILE B 102 -5.06 -11.90 9.17
N TYR B 103 -4.83 -10.72 9.70
CA TYR B 103 -4.00 -10.57 10.88
C TYR B 103 -4.87 -10.42 12.11
N ALA B 104 -4.63 -11.28 13.11
CA ALA B 104 -5.35 -11.24 14.37
C ALA B 104 -4.44 -10.66 15.44
N VAL B 105 -4.91 -9.63 16.13
CA VAL B 105 -4.05 -8.73 16.90
C VAL B 105 -4.58 -8.60 18.33
N GLY B 106 -3.75 -8.96 19.30
CA GLY B 106 -4.06 -8.65 20.69
C GLY B 106 -5.20 -9.43 21.31
N GLY B 107 -5.99 -8.77 22.16
CA GLY B 107 -7.09 -9.44 22.84
C GLY B 107 -6.66 -10.08 24.14
N SER B 108 -7.63 -10.70 24.81
CA SER B 108 -7.39 -11.32 26.10
C SER B 108 -7.85 -12.78 26.08
N HIS B 109 -7.26 -13.55 26.97
CA HIS B 109 -7.67 -14.92 27.28
C HIS B 109 -7.67 -15.01 28.81
N GLY B 110 -8.82 -14.79 29.42
CA GLY B 110 -8.89 -14.72 30.87
C GLY B 110 -8.05 -13.57 31.41
N CYS B 111 -7.09 -13.90 32.29
CA CYS B 111 -6.17 -12.90 32.82
C CYS B 111 -5.04 -12.55 31.86
N ILE B 112 -4.88 -13.29 30.75
CA ILE B 112 -3.79 -13.00 29.82
C ILE B 112 -4.21 -11.86 28.89
N HIS B 113 -3.33 -10.90 28.72
CA HIS B 113 -3.51 -9.78 27.82
C HIS B 113 -2.46 -9.90 26.72
N HIS B 114 -2.91 -10.21 25.50
CA HIS B 114 -2.01 -10.60 24.42
C HIS B 114 -1.30 -9.38 23.82
N ASN B 115 0.02 -9.50 23.66
CA ASN B 115 0.70 -8.72 22.65
C ASN B 115 0.96 -9.54 21.40
N SER B 116 0.67 -10.84 21.44
CA SER B 116 0.90 -11.73 20.31
C SER B 116 0.01 -11.36 19.11
N VAL B 117 0.49 -11.69 17.92
CA VAL B 117 -0.18 -11.41 16.66
C VAL B 117 -0.02 -12.64 15.77
N GLU B 118 -1.08 -13.02 15.03
CA GLU B 118 -0.93 -14.15 14.12
C GLU B 118 -1.65 -13.89 12.79
N ARG B 119 -1.25 -14.67 11.78
CA ARG B 119 -1.70 -14.45 10.41
C ARG B 119 -2.37 -15.69 9.86
N TYR B 120 -3.54 -15.50 9.25
CA TYR B 120 -4.29 -16.58 8.64
C TYR B 120 -4.19 -16.51 7.13
N GLU B 121 -3.93 -17.65 6.50
CA GLU B 121 -3.85 -17.76 5.05
C GLU B 121 -5.06 -18.53 4.52
N PRO B 122 -6.03 -17.86 3.90
CA PRO B 122 -7.27 -18.56 3.50
C PRO B 122 -7.08 -19.66 2.50
N GLU B 123 -6.04 -19.59 1.69
CA GLU B 123 -5.83 -20.61 0.66
C GLU B 123 -5.21 -21.88 1.22
N ARG B 124 -4.58 -21.82 2.40
CA ARG B 124 -4.05 -23.00 3.06
C ARG B 124 -4.76 -23.35 4.35
N ASP B 125 -5.73 -22.57 4.79
CA ASP B 125 -6.41 -22.75 6.08
C ASP B 125 -5.41 -23.00 7.20
N GLU B 126 -4.46 -22.08 7.34
CA GLU B 126 -3.49 -22.21 8.41
C GLU B 126 -3.24 -20.84 9.00
N TRP B 127 -2.92 -20.85 10.29
CA TRP B 127 -2.52 -19.70 11.09
C TRP B 127 -1.03 -19.81 11.39
N HIS B 128 -0.32 -18.69 11.33
CA HIS B 128 1.08 -18.67 11.75
C HIS B 128 1.33 -17.42 12.59
N LEU B 129 1.97 -17.61 13.73
CA LEU B 129 2.33 -16.51 14.59
C LEU B 129 3.35 -15.63 13.90
N VAL B 130 3.23 -14.32 14.11
CA VAL B 130 4.23 -13.41 13.56
C VAL B 130 4.76 -12.57 14.70
N ALA B 131 5.44 -11.49 14.37
CA ALA B 131 6.10 -10.68 15.39
C ALA B 131 5.08 -10.11 16.37
N PRO B 132 5.30 -10.22 17.67
CA PRO B 132 4.34 -9.67 18.63
C PRO B 132 4.47 -8.16 18.69
N MET B 133 3.36 -7.52 19.04
CA MET B 133 3.35 -6.08 19.28
C MET B 133 4.31 -5.69 20.41
N LEU B 134 4.69 -4.41 20.40
CA LEU B 134 5.46 -3.83 21.49
C LEU B 134 4.66 -3.73 22.77
N THR B 135 3.34 -3.77 22.68
CA THR B 135 2.42 -3.53 23.80
C THR B 135 1.35 -4.62 23.85
N ARG B 136 0.99 -5.05 25.06
CA ARG B 136 -0.20 -5.88 25.22
C ARG B 136 -1.45 -5.01 25.06
N ARG B 137 -2.36 -5.42 24.18
CA ARG B 137 -3.51 -4.59 23.84
C ARG B 137 -4.78 -5.42 23.75
N ILE B 138 -5.76 -5.08 24.58
CA ILE B 138 -7.11 -5.63 24.55
C ILE B 138 -8.03 -4.52 24.10
N GLY B 139 -9.06 -4.86 23.33
CA GLY B 139 -9.88 -3.79 22.78
C GLY B 139 -9.10 -2.89 21.86
N VAL B 140 -8.12 -3.44 21.16
CA VAL B 140 -7.28 -2.68 20.22
C VAL B 140 -8.04 -2.47 18.91
N GLY B 141 -7.95 -1.26 18.36
CA GLY B 141 -8.43 -0.99 17.02
C GLY B 141 -7.33 -1.22 15.99
N VAL B 142 -7.70 -1.85 14.88
CA VAL B 142 -6.76 -2.28 13.85
C VAL B 142 -7.23 -1.76 12.50
N ALA B 143 -6.28 -1.28 11.71
CA ALA B 143 -6.57 -0.78 10.38
C ALA B 143 -5.34 -0.94 9.48
N VAL B 144 -5.60 -1.14 8.20
CA VAL B 144 -4.54 -1.34 7.22
C VAL B 144 -4.52 -0.12 6.31
N LEU B 145 -3.35 0.53 6.24
CA LEU B 145 -3.18 1.68 5.36
C LEU B 145 -1.94 1.43 4.52
N ASN B 146 -2.14 1.41 3.21
CA ASN B 146 -1.07 1.15 2.23
C ASN B 146 -0.27 -0.11 2.59
N ARG B 147 -1.00 -1.19 2.87
CA ARG B 147 -0.43 -2.50 3.20
C ARG B 147 0.43 -2.46 4.46
N LEU B 148 0.22 -1.49 5.34
CA LEU B 148 0.79 -1.52 6.67
C LEU B 148 -0.34 -1.68 7.67
N LEU B 149 -0.08 -2.44 8.74
CA LEU B 149 -1.09 -2.79 9.74
C LEU B 149 -0.89 -1.97 11.01
N TYR B 150 -1.92 -1.22 11.39
CA TYR B 150 -1.85 -0.33 12.55
C TYR B 150 -2.68 -0.88 13.71
N ALA B 151 -2.08 -0.91 14.89
CA ALA B 151 -2.79 -1.24 16.13
C ALA B 151 -2.88 0.03 16.95
N VAL B 152 -4.10 0.38 17.38
CA VAL B 152 -4.37 1.70 17.93
C VAL B 152 -5.07 1.53 19.28
N GLY B 153 -4.51 2.13 20.34
CA GLY B 153 -5.19 2.20 21.62
C GLY B 153 -5.27 0.84 22.30
N GLY B 154 -6.35 0.63 23.03
CA GLY B 154 -6.57 -0.60 23.78
C GLY B 154 -6.32 -0.46 25.27
N PHE B 155 -6.31 -1.61 25.95
CA PHE B 155 -6.18 -1.74 27.39
C PHE B 155 -5.12 -2.81 27.65
N ASP B 156 -4.06 -2.47 28.39
CA ASP B 156 -3.00 -3.45 28.59
C ASP B 156 -3.22 -4.32 29.84
N GLY B 157 -4.40 -4.25 30.44
CA GLY B 157 -4.67 -4.96 31.67
C GLY B 157 -4.50 -4.12 32.93
N THR B 158 -3.96 -2.90 32.81
CA THR B 158 -3.76 -2.01 33.94
C THR B 158 -4.10 -0.59 33.52
N ASN B 159 -3.64 -0.22 32.32
CA ASN B 159 -3.82 1.11 31.81
C ASN B 159 -4.48 1.04 30.45
N ARG B 160 -5.28 2.05 30.16
CA ARG B 160 -5.77 2.27 28.82
C ARG B 160 -4.81 3.18 28.05
N LEU B 161 -4.79 3.01 26.72
CA LEU B 161 -3.69 3.47 25.87
C LEU B 161 -4.15 4.47 24.83
N ASN B 162 -3.33 5.51 24.61
CA ASN B 162 -3.44 6.34 23.42
C ASN B 162 -2.33 6.04 22.40
N SER B 163 -1.39 5.16 22.74
CA SER B 163 -0.28 4.84 21.85
C SER B 163 -0.78 4.02 20.66
N ALA B 164 0.00 4.06 19.58
CA ALA B 164 -0.27 3.29 18.38
C ALA B 164 1.06 2.80 17.79
N GLU B 165 1.01 1.63 17.15
CA GLU B 165 2.20 1.04 16.54
C GLU B 165 1.84 0.47 15.17
N CYS B 166 2.88 0.22 14.38
CA CYS B 166 2.68 -0.11 12.97
C CYS B 166 3.46 -1.37 12.63
N TYR B 167 2.81 -2.32 11.98
CA TYR B 167 3.42 -3.59 11.63
C TYR B 167 3.87 -3.62 10.16
N TYR B 168 5.13 -3.95 9.93
CA TYR B 168 5.65 -4.06 8.57
C TYR B 168 5.64 -5.52 8.16
N PRO B 169 4.76 -5.94 7.26
CA PRO B 169 4.49 -7.38 7.09
C PRO B 169 5.64 -8.18 6.49
N GLU B 170 6.35 -7.62 5.50
CA GLU B 170 7.50 -8.33 4.95
C GLU B 170 8.77 -8.11 5.76
N ARG B 171 8.84 -7.01 6.52
CA ARG B 171 9.87 -6.89 7.56
C ARG B 171 9.57 -7.75 8.78
N ASN B 172 8.29 -7.98 9.06
CA ASN B 172 7.84 -8.68 10.28
C ASN B 172 8.42 -8.03 11.53
N GLU B 173 8.12 -6.75 11.70
CA GLU B 173 8.59 -6.01 12.86
C GLU B 173 7.57 -4.90 13.14
N TRP B 174 7.42 -4.57 14.41
CA TRP B 174 6.46 -3.55 14.83
C TRP B 174 7.19 -2.27 15.17
N ARG B 175 6.58 -1.13 14.91
CA ARG B 175 7.26 0.12 15.24
C ARG B 175 6.24 1.11 15.79
N MET B 176 6.60 1.78 16.88
CA MET B 176 5.74 2.77 17.50
C MET B 176 5.62 3.99 16.62
N ILE B 177 4.40 4.51 16.50
CA ILE B 177 4.16 5.74 15.75
C ILE B 177 3.65 6.79 16.74
N THR B 178 3.29 7.96 16.23
CA THR B 178 2.75 9.01 17.07
C THR B 178 1.48 8.52 17.78
N ALA B 179 1.38 8.84 19.06
CA ALA B 179 0.21 8.46 19.82
C ALA B 179 -0.99 9.33 19.45
N MET B 180 -2.18 8.77 19.62
CA MET B 180 -3.40 9.57 19.49
C MET B 180 -3.41 10.70 20.51
N ASN B 181 -4.32 11.64 20.29
CA ASN B 181 -4.57 12.70 21.26
C ASN B 181 -5.24 12.15 22.52
N THR B 182 -6.05 11.11 22.36
CA THR B 182 -7.00 10.65 23.36
C THR B 182 -6.77 9.18 23.62
N ILE B 183 -6.66 8.82 24.89
CA ILE B 183 -6.62 7.42 25.28
C ILE B 183 -7.95 6.76 24.97
N ARG B 184 -7.90 5.59 24.34
CA ARG B 184 -9.10 4.92 23.87
C ARG B 184 -8.91 3.41 23.91
N SER B 185 -9.79 2.74 24.63
CA SER B 185 -9.97 1.30 24.48
CA SER B 185 -9.97 1.31 24.50
C SER B 185 -11.36 1.07 23.90
N GLY B 186 -11.47 0.01 23.09
CA GLY B 186 -12.75 -0.30 22.45
C GLY B 186 -13.22 0.73 21.45
N ALA B 187 -12.31 1.42 20.78
CA ALA B 187 -12.69 2.39 19.79
C ALA B 187 -12.97 1.69 18.45
N GLY B 188 -13.60 2.43 17.54
CA GLY B 188 -13.74 1.98 16.17
C GLY B 188 -12.63 2.60 15.36
N VAL B 189 -11.84 1.76 14.71
CA VAL B 189 -10.72 2.20 13.89
C VAL B 189 -10.87 1.63 12.48
N CYS B 190 -10.82 2.51 11.47
CA CYS B 190 -10.93 2.11 10.07
C CYS B 190 -10.06 3.04 9.23
N VAL B 191 -9.84 2.65 7.98
CA VAL B 191 -9.12 3.49 7.02
C VAL B 191 -10.13 4.03 6.02
N LEU B 192 -9.99 5.30 5.69
CA LEU B 192 -10.85 5.98 4.75
C LEU B 192 -10.07 7.09 4.06
N HIS B 193 -10.05 7.08 2.73
CA HIS B 193 -9.40 8.13 1.94
C HIS B 193 -7.99 8.43 2.42
N ASN B 194 -7.22 7.37 2.65
CA ASN B 194 -5.79 7.45 2.96
C ASN B 194 -5.46 7.97 4.36
N CYS B 195 -6.42 7.93 5.29
CA CYS B 195 -6.21 8.25 6.70
C CYS B 195 -6.80 7.15 7.60
N ILE B 196 -6.21 7.02 8.79
CA ILE B 196 -6.75 6.12 9.82
C ILE B 196 -7.64 6.93 10.75
N TYR B 197 -8.87 6.47 10.95
CA TYR B 197 -9.79 7.10 11.87
C TYR B 197 -9.94 6.25 13.11
N ALA B 198 -9.90 6.90 14.27
CA ALA B 198 -10.27 6.28 15.53
C ALA B 198 -11.48 7.02 16.07
N ALA B 199 -12.60 6.30 16.17
CA ALA B 199 -13.88 6.84 16.64
C ALA B 199 -14.25 6.22 17.98
N GLY B 200 -14.63 7.09 18.94
CA GLY B 200 -15.17 6.66 20.22
C GLY B 200 -14.20 5.87 21.10
N GLY B 201 -14.76 4.90 21.81
CA GLY B 201 -14.01 4.12 22.79
C GLY B 201 -14.25 4.57 24.21
N TYR B 202 -13.37 4.09 25.09
CA TYR B 202 -13.44 4.31 26.54
C TYR B 202 -12.06 4.72 27.03
N ASP B 203 -11.98 5.84 27.76
CA ASP B 203 -10.68 6.27 28.29
C ASP B 203 -10.47 5.89 29.76
N GLY B 204 -11.35 5.07 30.33
CA GLY B 204 -11.28 4.70 31.73
C GLY B 204 -12.18 5.53 32.62
N GLN B 205 -12.65 6.66 32.16
CA GLN B 205 -13.61 7.43 32.91
C GLN B 205 -14.88 7.71 32.13
N ASP B 206 -14.76 8.07 30.85
CA ASP B 206 -15.90 8.41 30.01
C ASP B 206 -15.88 7.57 28.74
N GLN B 207 -17.06 7.17 28.29
CA GLN B 207 -17.19 6.76 26.90
C GLN B 207 -17.11 8.01 26.04
N LEU B 208 -16.61 7.84 24.82
CA LEU B 208 -16.17 8.98 24.02
C LEU B 208 -17.02 9.14 22.76
N ASN B 209 -17.23 10.38 22.35
CA ASN B 209 -17.79 10.66 21.03
C ASN B 209 -16.76 11.28 20.09
N SER B 210 -15.55 11.51 20.56
CA SER B 210 -14.58 12.21 19.74
C SER B 210 -14.00 11.27 18.68
N VAL B 211 -13.47 11.86 17.62
CA VAL B 211 -12.99 11.14 16.45
C VAL B 211 -11.73 11.83 15.96
N GLU B 212 -10.66 11.09 15.81
CA GLU B 212 -9.45 11.68 15.28
C GLU B 212 -8.92 10.80 14.15
N ARG B 213 -8.21 11.43 13.22
CA ARG B 213 -7.70 10.71 12.07
C ARG B 213 -6.20 10.94 11.89
N TYR B 214 -5.51 9.86 11.58
CA TYR B 214 -4.07 9.87 11.42
C TYR B 214 -3.72 10.04 9.96
N ASP B 215 -2.86 11.02 9.67
CA ASP B 215 -2.34 11.26 8.34
C ASP B 215 -0.92 10.73 8.26
N VAL B 216 -0.70 9.66 7.48
CA VAL B 216 0.65 9.10 7.33
C VAL B 216 1.66 10.15 6.84
N ALA B 217 1.21 11.14 6.07
CA ALA B 217 2.17 12.09 5.51
C ALA B 217 2.73 13.02 6.59
N THR B 218 1.86 13.55 7.45
CA THR B 218 2.33 14.41 8.53
C THR B 218 2.61 13.64 9.81
N ALA B 219 2.37 12.33 9.83
CA ALA B 219 2.48 11.52 11.06
C ALA B 219 1.80 12.19 12.25
N THR B 220 0.63 12.81 12.00
CA THR B 220 -0.09 13.60 13.00
C THR B 220 -1.54 13.14 13.08
N TRP B 221 -2.06 13.10 14.31
CA TRP B 221 -3.46 12.82 14.60
C TRP B 221 -4.20 14.13 14.71
N THR B 222 -5.34 14.23 14.03
CA THR B 222 -6.14 15.44 14.02
C THR B 222 -7.57 15.08 14.39
N PHE B 223 -8.18 15.89 15.25
CA PHE B 223 -9.60 15.70 15.55
C PHE B 223 -10.45 16.13 14.36
N VAL B 224 -11.54 15.40 14.14
CA VAL B 224 -12.57 15.83 13.20
C VAL B 224 -13.88 15.89 13.97
N ALA B 225 -15.00 16.01 13.26
CA ALA B 225 -16.29 16.14 13.91
C ALA B 225 -16.55 14.95 14.83
N PRO B 226 -17.07 15.18 16.03
CA PRO B 226 -17.39 14.06 16.91
C PRO B 226 -18.71 13.39 16.52
N MET B 227 -18.85 12.15 16.98
CA MET B 227 -20.11 11.45 16.80
C MET B 227 -21.21 12.09 17.64
N LYS B 228 -22.44 11.82 17.22
CA LYS B 228 -23.62 12.29 17.93
C LYS B 228 -23.73 11.63 19.30
N HIS B 229 -23.30 10.38 19.44
CA HIS B 229 -23.49 9.60 20.66
C HIS B 229 -22.16 9.04 21.13
N ARG B 230 -21.87 9.23 22.42
CA ARG B 230 -20.74 8.55 23.02
C ARG B 230 -20.94 7.06 22.94
N ARG B 231 -19.87 6.34 22.60
CA ARG B 231 -20.00 4.89 22.55
C ARG B 231 -18.63 4.23 22.64
N SER B 232 -18.59 3.12 23.37
CA SER B 232 -17.43 2.25 23.39
C SER B 232 -17.86 0.87 22.93
N ALA B 233 -16.88 0.07 22.45
CA ALA B 233 -17.13 -1.27 21.91
C ALA B 233 -18.12 -1.23 20.73
N LEU B 234 -17.99 -0.20 19.91
CA LEU B 234 -18.81 0.00 18.72
C LEU B 234 -18.27 -0.82 17.55
N GLY B 235 -19.12 -1.08 16.58
CA GLY B 235 -18.66 -1.64 15.32
C GLY B 235 -18.43 -0.50 14.33
N ILE B 236 -17.50 -0.70 13.40
CA ILE B 236 -17.18 0.32 12.42
C ILE B 236 -16.87 -0.33 11.08
N THR B 237 -17.23 0.35 10.00
CA THR B 237 -16.79 -0.05 8.67
C THR B 237 -16.91 1.16 7.74
N VAL B 238 -16.42 0.97 6.53
CA VAL B 238 -16.48 1.99 5.50
C VAL B 238 -17.31 1.43 4.36
N HIS B 239 -18.29 2.19 3.92
CA HIS B 239 -19.15 1.80 2.80
C HIS B 239 -19.32 3.02 1.89
N GLN B 240 -18.86 2.87 0.65
CA GLN B 240 -18.98 3.89 -0.40
C GLN B 240 -18.50 5.27 0.06
N GLY B 241 -17.25 5.30 0.52
CA GLY B 241 -16.65 6.55 0.90
C GLY B 241 -17.16 7.17 2.18
N ARG B 242 -17.86 6.40 3.01
CA ARG B 242 -18.44 6.92 4.24
C ARG B 242 -18.21 5.94 5.38
N ILE B 243 -17.99 6.46 6.59
CA ILE B 243 -17.82 5.66 7.78
C ILE B 243 -19.18 5.34 8.38
N TYR B 244 -19.35 4.10 8.83
CA TYR B 244 -20.53 3.70 9.61
C TYR B 244 -20.05 3.20 10.97
N VAL B 245 -20.66 3.69 12.05
CA VAL B 245 -20.41 3.14 13.38
C VAL B 245 -21.71 2.52 13.88
N LEU B 246 -21.62 1.29 14.36
CA LEU B 246 -22.81 0.52 14.74
C LEU B 246 -22.75 0.20 16.24
N GLY B 247 -23.78 0.60 16.97
CA GLY B 247 -24.00 0.19 18.35
C GLY B 247 -22.88 0.62 19.28
N GLY B 248 -22.59 -0.24 20.23
CA GLY B 248 -21.68 0.08 21.31
C GLY B 248 -22.44 0.34 22.61
N TYR B 249 -21.70 0.90 23.56
CA TYR B 249 -22.16 1.01 24.95
C TYR B 249 -21.74 2.37 25.48
N ASP B 250 -22.72 3.10 26.05
CA ASP B 250 -22.48 4.48 26.45
C ASP B 250 -22.48 4.65 27.97
N GLY B 251 -22.25 3.57 28.72
CA GLY B 251 -22.29 3.59 30.15
C GLY B 251 -23.63 3.28 30.76
N HIS B 252 -24.72 3.42 30.00
CA HIS B 252 -26.05 3.16 30.53
C HIS B 252 -26.85 2.19 29.67
N THR B 253 -26.67 2.22 28.36
CA THR B 253 -27.47 1.33 27.50
C THR B 253 -26.59 0.76 26.41
N PHE B 254 -27.04 -0.35 25.85
CA PHE B 254 -26.46 -0.88 24.65
C PHE B 254 -27.17 -0.27 23.46
N LEU B 255 -26.45 0.49 22.65
CA LEU B 255 -27.07 1.32 21.62
C LEU B 255 -27.45 0.50 20.38
N ASP B 256 -28.51 0.94 19.70
CA ASP B 256 -28.83 0.44 18.37
C ASP B 256 -28.61 1.51 17.31
N SER B 257 -28.20 2.71 17.72
CA SER B 257 -27.95 3.82 16.81
C SER B 257 -26.83 3.49 15.82
N VAL B 258 -27.06 3.82 14.56
CA VAL B 258 -26.05 3.74 13.52
C VAL B 258 -25.84 5.14 12.97
N GLU B 259 -24.61 5.63 13.08
CA GLU B 259 -24.21 6.94 12.58
C GLU B 259 -23.34 6.80 11.36
N CYS B 260 -23.38 7.81 10.51
CA CYS B 260 -22.68 7.82 9.24
C CYS B 260 -21.88 9.11 9.15
N TYR B 261 -20.58 8.98 8.95
CA TYR B 261 -19.71 10.13 8.76
C TYR B 261 -19.45 10.41 7.28
N ASP B 262 -19.69 11.65 6.85
CA ASP B 262 -19.34 12.06 5.50
C ASP B 262 -18.10 12.96 5.54
N PRO B 263 -16.96 12.49 5.03
CA PRO B 263 -15.74 13.31 5.12
C PRO B 263 -15.78 14.56 4.28
N ASP B 264 -16.56 14.61 3.20
CA ASP B 264 -16.58 15.84 2.41
C ASP B 264 -17.27 16.97 3.16
N THR B 265 -18.29 16.68 3.97
CA THR B 265 -18.91 17.71 4.78
C THR B 265 -18.40 17.72 6.22
N ASP B 266 -17.58 16.75 6.62
CA ASP B 266 -17.14 16.59 8.01
C ASP B 266 -18.33 16.61 8.97
N THR B 267 -19.34 15.81 8.69
CA THR B 267 -20.52 15.74 9.54
C THR B 267 -20.96 14.30 9.72
N TRP B 268 -21.55 14.03 10.89
CA TRP B 268 -22.14 12.75 11.23
C TRP B 268 -23.66 12.89 11.18
N SER B 269 -24.35 11.83 10.77
CA SER B 269 -25.80 11.81 10.92
C SER B 269 -26.27 10.38 11.23
N GLU B 270 -27.39 10.31 11.93
CA GLU B 270 -27.99 9.03 12.28
C GLU B 270 -28.76 8.54 11.07
N VAL B 271 -28.43 7.33 10.61
CA VAL B 271 -29.04 6.80 9.42
C VAL B 271 -30.00 5.65 9.69
N THR B 272 -29.82 4.91 10.77
CA THR B 272 -30.69 3.78 11.05
C THR B 272 -30.55 3.35 12.51
N ARG B 273 -31.36 2.37 12.89
CA ARG B 273 -31.25 1.64 14.14
C ARG B 273 -31.05 0.17 13.81
N MET B 274 -30.16 -0.50 14.55
CA MET B 274 -30.13 -1.96 14.46
C MET B 274 -31.43 -2.53 15.05
N THR B 275 -31.72 -3.78 14.72
CA THR B 275 -32.95 -4.41 15.22
C THR B 275 -32.97 -4.50 16.75
N SER B 276 -31.79 -4.47 17.40
CA SER B 276 -31.70 -4.30 18.83
C SER B 276 -30.30 -3.81 19.19
N GLY B 277 -30.23 -3.04 20.27
CA GLY B 277 -28.99 -2.54 20.80
C GLY B 277 -28.00 -3.65 21.11
N ARG B 278 -26.72 -3.40 20.85
CA ARG B 278 -25.68 -4.37 21.16
C ARG B 278 -24.33 -3.64 21.10
N SER B 279 -23.32 -4.28 21.66
CA SER B 279 -21.96 -3.79 21.64
C SER B 279 -21.05 -4.94 21.27
N GLY B 280 -19.78 -4.62 20.99
CA GLY B 280 -18.83 -5.67 20.66
C GLY B 280 -19.22 -6.52 19.47
N VAL B 281 -19.65 -5.89 18.35
CA VAL B 281 -20.02 -6.62 17.15
C VAL B 281 -18.80 -6.74 16.24
N GLY B 282 -18.88 -7.64 15.27
CA GLY B 282 -17.94 -7.71 14.17
C GLY B 282 -18.65 -7.19 12.93
N VAL B 283 -18.02 -6.25 12.24
CA VAL B 283 -18.66 -5.56 11.13
C VAL B 283 -17.75 -5.55 9.91
N ALA B 284 -18.34 -5.72 8.73
CA ALA B 284 -17.61 -5.72 7.45
C ALA B 284 -18.59 -5.60 6.28
N VAL B 285 -18.05 -5.26 5.11
CA VAL B 285 -18.85 -5.02 3.91
C VAL B 285 -18.50 -6.07 2.86
N THR B 286 -19.53 -6.73 2.32
CA THR B 286 -19.33 -7.61 1.19
C THR B 286 -20.64 -7.67 0.40
N MET B 287 -20.63 -8.48 -0.66
CA MET B 287 -21.78 -8.61 -1.55
C MET B 287 -23.02 -9.05 -0.78
N GLU B 288 -24.17 -8.57 -1.25
CA GLU B 288 -25.43 -9.06 -0.71
C GLU B 288 -25.60 -10.55 -0.99
N PRO B 289 -26.37 -11.26 -0.17
CA PRO B 289 -26.64 -12.67 -0.47
C PRO B 289 -27.65 -12.81 -1.61
N SER B 290 -27.65 -13.98 -2.22
CA SER B 290 -28.68 -14.29 -3.19
C SER B 290 -29.94 -14.79 -2.48
N ARG B 291 -31.09 -14.45 -3.02
CA ARG B 291 -32.31 -14.95 -2.41
C ARG B 291 -32.87 -16.12 -3.19
N LEU C 2 30.71 8.91 -26.50
CA LEU C 2 29.69 8.18 -25.76
C LEU C 2 29.36 8.85 -24.42
N ASP C 3 28.09 8.85 -24.04
CA ASP C 3 27.70 9.27 -22.70
C ASP C 3 28.24 8.28 -21.68
N GLU C 4 29.08 8.78 -20.78
CA GLU C 4 29.72 7.96 -19.75
C GLU C 4 28.70 7.16 -18.91
N GLU C 5 27.45 7.60 -18.84
CA GLU C 5 26.45 7.06 -17.92
C GLU C 5 25.49 6.09 -18.59
N THR C 6 24.99 6.42 -19.79
CA THR C 6 24.07 5.54 -20.52
C THR C 6 24.75 4.75 -21.63
N GLY C 7 25.95 5.13 -22.05
CA GLY C 7 26.60 4.46 -23.17
C GLY C 7 26.19 4.93 -24.55
N GLU C 8 25.16 5.76 -24.68
CA GLU C 8 24.65 6.17 -25.98
C GLU C 8 25.66 7.05 -26.72
N ALA C 9 25.65 6.96 -28.05
CA ALA C 9 26.49 7.85 -28.88
C ALA C 9 26.03 9.28 -28.69
N LEU C 10 26.98 10.21 -28.62
CA LEU C 10 26.58 11.58 -28.29
C LEU C 10 25.91 12.30 -29.45
#